data_4HF7
#
_entry.id   4HF7
#
_cell.length_a   51.201
_cell.length_b   110.680
_cell.length_c   88.776
_cell.angle_alpha   90.000
_cell.angle_beta   90.000
_cell.angle_gamma   90.000
#
_symmetry.space_group_name_H-M   'C 2 2 21'
#
loop_
_entity.id
_entity.type
_entity.pdbx_description
1 polymer 'Putative acylhydrolase'
2 water water
#
_entity_poly.entity_id   1
_entity_poly.type   'polypeptide(L)'
_entity_poly.pdbx_seq_one_letter_code
;GQKHEFANYKRYATENAALAQPVKKEKRVVF(MSE)GN(OSE)ITEGWVRTHPDFFKTNGYIGRGISGQTSYQFLLRFRE
DVINLSPALVVINAGTNDVAENTGAYNEDYTFGNIAS(MSE)AELAKANKIKVILTSVLPAAEFPWRREIKDAPQKIQSL
NARIEAYAKANKIPFVNYYQP(MSE)VVGENKALNPQYTKDGVHPTGEGYDI(MSE)EALIKQAIEKAL
;
_entity_poly.pdbx_strand_id   A
#
# COMPACT_ATOMS: atom_id res chain seq x y z
N GLU A 5 19.97 6.09 0.51
CA GLU A 5 19.56 6.86 -0.66
C GLU A 5 18.37 6.19 -1.38
N PHE A 6 18.60 4.97 -1.90
CA PHE A 6 17.66 4.13 -2.66
C PHE A 6 16.31 3.96 -1.92
N ALA A 7 16.33 3.65 -0.62
CA ALA A 7 15.12 3.45 0.21
C ALA A 7 14.39 4.75 0.49
N ASN A 8 15.11 5.88 0.40
CA ASN A 8 14.61 7.24 0.64
C ASN A 8 14.10 7.39 2.09
N TYR A 9 15.02 7.14 3.05
CA TYR A 9 14.77 7.35 4.47
C TYR A 9 14.56 8.83 4.74
N LYS A 10 15.22 9.71 3.94
CA LYS A 10 15.16 11.18 4.06
C LYS A 10 13.74 11.74 3.92
N ARG A 11 12.90 11.10 3.10
CA ARG A 11 11.56 11.61 2.88
C ARG A 11 10.79 11.80 4.21
N TYR A 12 10.78 10.80 5.09
CA TYR A 12 10.00 10.95 6.33
C TYR A 12 10.83 11.04 7.64
N ALA A 13 12.17 11.16 7.53
CA ALA A 13 13.07 11.23 8.71
C ALA A 13 12.67 12.33 9.70
N THR A 14 12.50 13.60 9.23
CA THR A 14 12.15 14.73 10.10
C THR A 14 10.77 14.52 10.76
N GLU A 15 9.76 14.08 9.99
CA GLU A 15 8.38 13.84 10.45
C GLU A 15 8.32 12.70 11.47
N ASN A 16 9.09 11.61 11.24
CA ASN A 16 9.15 10.46 12.16
C ASN A 16 9.69 10.94 13.49
N ALA A 17 10.84 11.63 13.48
CA ALA A 17 11.46 12.20 14.69
C ALA A 17 10.52 13.18 15.42
N ALA A 18 9.70 13.93 14.67
CA ALA A 18 8.77 14.91 15.24
C ALA A 18 7.52 14.23 15.86
N LEU A 19 7.25 12.96 15.49
CA LEU A 19 6.11 12.21 16.02
C LEU A 19 6.36 11.78 17.47
N ALA A 20 5.44 12.13 18.38
CA ALA A 20 5.52 11.72 19.78
C ALA A 20 5.28 10.20 19.91
N GLN A 21 5.94 9.56 20.89
CA GLN A 21 5.79 8.14 21.22
C GLN A 21 4.30 7.87 21.48
N PRO A 22 3.67 6.86 20.84
CA PRO A 22 2.22 6.68 21.06
C PRO A 22 1.87 5.87 22.30
N VAL A 23 0.60 6.03 22.70
CA VAL A 23 -0.08 5.27 23.75
C VAL A 23 -1.01 4.30 23.01
N LYS A 24 -1.25 3.11 23.57
CA LYS A 24 -2.07 2.05 22.98
C LYS A 24 -3.50 2.53 22.65
N LYS A 25 -4.07 3.43 23.47
CA LYS A 25 -5.43 3.95 23.25
C LYS A 25 -5.54 4.84 22.00
N GLU A 26 -4.42 5.40 21.50
CA GLU A 26 -4.50 6.27 20.33
C GLU A 26 -4.56 5.44 19.03
N LYS A 27 -4.44 4.11 19.14
CA LYS A 27 -4.51 3.14 18.03
C LYS A 27 -3.83 3.69 16.79
N ARG A 28 -2.52 3.96 16.88
CA ARG A 28 -1.77 4.50 15.75
C ARG A 28 -1.89 3.59 14.51
N VAL A 29 -2.19 4.17 13.32
CA VAL A 29 -2.31 3.40 12.08
C VAL A 29 -1.37 4.03 11.05
N VAL A 30 -0.52 3.21 10.42
CA VAL A 30 0.43 3.68 9.41
C VAL A 30 0.07 3.04 8.06
N PHE A 31 0.07 3.85 6.99
CA PHE A 31 -0.19 3.39 5.64
C PHE A 31 1.12 3.36 4.89
N GLY A 33 2.92 2.55 1.34
CA GLY A 33 2.60 2.46 -0.07
C GLY A 33 3.47 3.34 -0.94
N ASN A 34 3.05 3.46 -2.16
CA ASN A 34 3.71 4.21 -3.21
C ASN A 34 2.88 5.48 -3.46
N ILE A 36 0.07 5.82 -4.92
CA ILE A 36 -1.36 5.65 -4.63
C ILE A 36 -1.65 6.05 -3.17
N THR A 37 -0.72 5.76 -2.24
CA THR A 37 -0.86 6.10 -0.83
C THR A 37 -0.36 7.55 -0.58
N GLU A 38 0.74 7.99 -1.24
CA GLU A 38 1.19 9.39 -1.04
C GLU A 38 0.14 10.39 -1.59
N GLY A 39 -0.47 10.04 -2.73
CA GLY A 39 -1.49 10.84 -3.39
C GLY A 39 -2.80 10.86 -2.63
N TRP A 40 -3.07 9.77 -1.87
CA TRP A 40 -4.26 9.63 -1.02
C TRP A 40 -4.30 10.73 0.04
N VAL A 41 -3.18 10.93 0.73
CA VAL A 41 -2.98 11.97 1.74
C VAL A 41 -3.08 13.36 1.09
N ARG A 42 -2.46 13.56 -0.10
CA ARG A 42 -2.49 14.85 -0.79
CA ARG A 42 -2.50 14.85 -0.78
C ARG A 42 -3.93 15.21 -1.21
N THR A 43 -4.67 14.23 -1.75
CA THR A 43 -6.04 14.47 -2.25
C THR A 43 -7.09 14.61 -1.15
N HIS A 44 -7.10 13.69 -0.17
CA HIS A 44 -8.07 13.73 0.93
C HIS A 44 -7.33 13.83 2.24
N PRO A 45 -6.67 14.96 2.55
CA PRO A 45 -5.93 15.04 3.83
C PRO A 45 -6.85 14.84 5.04
N ASP A 46 -8.13 15.28 4.95
CA ASP A 46 -9.10 15.17 6.03
C ASP A 46 -9.44 13.70 6.36
N PHE A 47 -9.37 12.78 5.40
CA PHE A 47 -9.64 11.38 5.72
C PHE A 47 -8.59 10.88 6.75
N PHE A 48 -7.32 11.24 6.54
CA PHE A 48 -6.24 10.81 7.43
C PHE A 48 -6.27 11.56 8.76
N LYS A 49 -6.56 12.85 8.74
CA LYS A 49 -6.61 13.69 9.95
C LYS A 49 -7.74 13.22 10.89
N THR A 50 -8.95 13.05 10.34
CA THR A 50 -10.18 12.64 11.04
C THR A 50 -10.02 11.29 11.72
N ASN A 51 -9.46 10.31 10.98
CA ASN A 51 -9.34 8.96 11.47
C ASN A 51 -8.02 8.66 12.22
N GLY A 52 -7.13 9.65 12.34
CA GLY A 52 -5.86 9.46 13.03
C GLY A 52 -4.99 8.42 12.35
N TYR A 53 -4.87 8.51 11.01
CA TYR A 53 -4.03 7.65 10.18
C TYR A 53 -2.81 8.41 9.71
N ILE A 54 -1.66 7.72 9.67
CA ILE A 54 -0.38 8.29 9.24
C ILE A 54 -0.02 7.73 7.87
N GLY A 55 0.18 8.62 6.92
CA GLY A 55 0.59 8.26 5.56
C GLY A 55 2.09 8.20 5.43
N ARG A 56 2.60 7.08 4.93
CA ARG A 56 4.04 6.89 4.74
C ARG A 56 4.30 6.40 3.29
N GLY A 57 3.50 6.91 2.36
CA GLY A 57 3.65 6.60 0.94
C GLY A 57 4.74 7.41 0.27
N ILE A 58 5.43 6.83 -0.72
CA ILE A 58 6.45 7.53 -1.52
C ILE A 58 6.20 7.19 -2.98
N SER A 59 5.95 8.21 -3.82
CA SER A 59 5.70 8.03 -5.25
CA SER A 59 5.70 8.03 -5.25
C SER A 59 6.84 7.30 -5.95
N GLY A 60 6.48 6.38 -6.83
CA GLY A 60 7.39 5.56 -7.62
C GLY A 60 8.07 4.38 -6.96
N GLN A 61 7.93 4.24 -5.64
CA GLN A 61 8.64 3.15 -4.92
C GLN A 61 8.03 1.77 -5.10
N THR A 62 8.93 0.76 -5.08
CA THR A 62 8.63 -0.65 -5.19
C THR A 62 8.69 -1.30 -3.80
N SER A 63 8.23 -2.54 -3.69
CA SER A 63 8.25 -3.31 -2.43
C SER A 63 9.68 -3.50 -1.89
N TYR A 64 10.73 -3.46 -2.78
CA TYR A 64 12.14 -3.58 -2.37
C TYR A 64 12.49 -2.39 -1.50
N GLN A 65 12.11 -1.18 -1.95
CA GLN A 65 12.38 0.08 -1.23
C GLN A 65 11.55 0.12 0.06
N PHE A 66 10.29 -0.35 -0.01
CA PHE A 66 9.41 -0.42 1.17
C PHE A 66 10.07 -1.25 2.26
N LEU A 67 10.54 -2.45 1.89
CA LEU A 67 11.16 -3.37 2.84
C LEU A 67 12.35 -2.71 3.56
N LEU A 68 13.25 -2.01 2.82
CA LEU A 68 14.40 -1.35 3.43
C LEU A 68 14.00 -0.22 4.38
N ARG A 69 12.96 0.58 4.05
CA ARG A 69 12.58 1.66 4.99
C ARG A 69 11.47 1.21 5.99
N PHE A 70 11.09 -0.09 5.98
CA PHE A 70 9.98 -0.58 6.84
C PHE A 70 10.20 -0.39 8.34
N ARG A 71 11.41 -0.64 8.86
CA ARG A 71 11.68 -0.44 10.28
C ARG A 71 11.61 1.04 10.67
N GLU A 72 12.12 1.92 9.82
CA GLU A 72 12.13 3.36 10.11
C GLU A 72 10.78 4.01 9.92
N ASP A 73 10.01 3.62 8.90
CA ASP A 73 8.76 4.31 8.60
C ASP A 73 7.52 3.59 9.15
N VAL A 74 7.69 2.42 9.78
CA VAL A 74 6.57 1.68 10.37
C VAL A 74 6.93 1.18 11.77
N ILE A 75 7.87 0.22 11.88
CA ILE A 75 8.20 -0.43 13.16
C ILE A 75 8.55 0.57 14.26
N ASN A 76 9.41 1.54 13.96
CA ASN A 76 9.89 2.51 14.95
C ASN A 76 8.85 3.58 15.32
N LEU A 77 7.70 3.61 14.60
CA LEU A 77 6.59 4.53 14.86
CA LEU A 77 6.61 4.54 14.88
C LEU A 77 5.64 3.92 15.89
N SER A 78 5.93 2.66 16.31
CA SER A 78 5.17 1.86 17.29
C SER A 78 3.64 1.90 17.02
N PRO A 79 3.21 1.56 15.78
CA PRO A 79 1.79 1.63 15.46
C PRO A 79 1.04 0.40 15.96
N ALA A 80 -0.27 0.54 16.17
CA ALA A 80 -1.12 -0.57 16.53
C ALA A 80 -1.38 -1.42 15.28
N LEU A 81 -1.32 -0.77 14.11
CA LEU A 81 -1.67 -1.44 12.84
C LEU A 81 -1.01 -0.77 11.65
N VAL A 82 -0.65 -1.57 10.65
CA VAL A 82 -0.08 -1.07 9.41
C VAL A 82 -0.92 -1.58 8.23
N VAL A 83 -1.18 -0.69 7.26
CA VAL A 83 -1.85 -1.05 6.00
C VAL A 83 -0.75 -1.11 4.98
N ILE A 84 -0.67 -2.19 4.20
CA ILE A 84 0.37 -2.33 3.19
C ILE A 84 -0.24 -2.42 1.79
N ASN A 85 0.12 -1.46 0.92
CA ASN A 85 -0.23 -1.45 -0.48
C ASN A 85 1.06 -1.39 -1.26
N ALA A 86 1.42 -2.49 -1.92
CA ALA A 86 2.71 -2.65 -2.60
C ALA A 86 2.58 -3.50 -3.84
N GLY A 87 3.34 -3.17 -4.89
CA GLY A 87 3.35 -3.97 -6.11
C GLY A 87 3.21 -3.26 -7.44
N THR A 88 2.46 -2.14 -7.47
CA THR A 88 2.23 -1.35 -8.69
C THR A 88 3.57 -1.07 -9.42
N ASN A 89 4.53 -0.46 -8.72
CA ASN A 89 5.81 -0.07 -9.33
C ASN A 89 6.72 -1.25 -9.56
N ASP A 90 6.49 -2.38 -8.86
CA ASP A 90 7.24 -3.61 -9.09
C ASP A 90 6.86 -4.18 -10.45
N VAL A 91 5.56 -4.23 -10.76
CA VAL A 91 5.04 -4.70 -12.06
C VAL A 91 5.49 -3.67 -13.15
N ALA A 92 5.57 -2.37 -12.81
CA ALA A 92 6.03 -1.32 -13.73
C ALA A 92 7.57 -1.36 -13.91
N GLU A 93 8.28 -2.24 -13.14
CA GLU A 93 9.72 -2.48 -13.23
C GLU A 93 10.54 -1.23 -12.92
N ASN A 94 10.07 -0.43 -11.96
CA ASN A 94 10.72 0.83 -11.56
C ASN A 94 12.13 0.63 -11.01
N THR A 95 12.44 -0.53 -10.37
CA THR A 95 13.77 -0.82 -9.80
C THR A 95 14.47 -2.07 -10.42
N GLY A 96 13.85 -2.72 -11.40
CA GLY A 96 14.43 -3.89 -12.07
C GLY A 96 13.40 -4.76 -12.75
N ALA A 97 13.83 -5.90 -13.31
CA ALA A 97 12.93 -6.85 -13.96
C ALA A 97 11.90 -7.36 -12.96
N TYR A 98 10.68 -7.64 -13.41
CA TYR A 98 9.68 -8.09 -12.47
C TYR A 98 9.81 -9.57 -12.12
N ASN A 99 9.80 -9.82 -10.81
CA ASN A 99 9.88 -11.19 -10.29
C ASN A 99 8.85 -11.29 -9.19
N GLU A 100 7.75 -12.01 -9.47
CA GLU A 100 6.66 -12.18 -8.50
C GLU A 100 7.13 -12.80 -7.18
N ASP A 101 8.00 -13.83 -7.22
CA ASP A 101 8.56 -14.42 -5.99
C ASP A 101 9.23 -13.35 -5.10
N TYR A 102 10.08 -12.49 -5.67
CA TYR A 102 10.78 -11.43 -4.91
C TYR A 102 9.81 -10.37 -4.38
N THR A 103 8.87 -9.87 -5.23
CA THR A 103 7.90 -8.82 -4.88
C THR A 103 6.96 -9.36 -3.79
N PHE A 104 6.36 -10.54 -4.01
CA PHE A 104 5.49 -11.16 -3.01
C PHE A 104 6.28 -11.41 -1.72
N GLY A 105 7.53 -11.90 -1.84
CA GLY A 105 8.40 -12.15 -0.69
C GLY A 105 8.61 -10.90 0.14
N ASN A 106 8.81 -9.75 -0.51
CA ASN A 106 8.99 -8.48 0.21
C ASN A 106 7.71 -8.12 1.00
N ILE A 107 6.51 -8.36 0.41
CA ILE A 107 5.25 -8.08 1.10
C ILE A 107 5.13 -9.02 2.33
N ALA A 108 5.41 -10.32 2.14
CA ALA A 108 5.37 -11.30 3.26
C ALA A 108 6.40 -10.94 4.35
N SER A 109 7.61 -10.52 3.96
CA SER A 109 8.64 -10.12 4.92
C SER A 109 8.15 -8.93 5.74
N ALA A 111 4.99 -8.08 6.34
CA ALA A 111 3.89 -8.56 7.20
C ALA A 111 4.45 -9.29 8.45
N GLU A 112 5.51 -10.09 8.23
CA GLU A 112 6.17 -10.88 9.26
C GLU A 112 6.92 -9.99 10.26
N LEU A 113 7.60 -8.94 9.77
CA LEU A 113 8.28 -7.97 10.62
C LEU A 113 7.31 -7.23 11.52
N ALA A 114 6.15 -6.82 10.96
CA ALA A 114 5.14 -6.09 11.73
C ALA A 114 4.57 -6.98 12.83
N LYS A 115 4.23 -8.24 12.51
CA LYS A 115 3.70 -9.23 13.47
C LYS A 115 4.76 -9.59 14.54
N ALA A 116 6.06 -9.59 14.16
CA ALA A 116 7.14 -9.86 15.11
C ALA A 116 7.23 -8.74 16.13
N ASN A 117 6.80 -7.52 15.72
CA ASN A 117 6.84 -6.33 16.58
C ASN A 117 5.48 -6.00 17.19
N LYS A 118 4.55 -6.98 17.16
CA LYS A 118 3.20 -6.91 17.76
CA LYS A 118 3.20 -6.92 17.75
C LYS A 118 2.33 -5.83 17.08
N ILE A 119 2.51 -5.65 15.77
CA ILE A 119 1.74 -4.68 14.98
C ILE A 119 0.78 -5.47 14.12
N LYS A 120 -0.53 -5.14 14.18
CA LYS A 120 -1.53 -5.78 13.31
C LYS A 120 -1.28 -5.36 11.86
N VAL A 121 -1.63 -6.25 10.93
CA VAL A 121 -1.39 -6.03 9.53
C VAL A 121 -2.68 -6.11 8.73
N ILE A 122 -2.83 -5.22 7.76
CA ILE A 122 -3.87 -5.32 6.77
C ILE A 122 -3.17 -5.34 5.41
N LEU A 123 -3.33 -6.46 4.67
CA LEU A 123 -2.78 -6.61 3.33
C LEU A 123 -3.83 -6.14 2.31
N THR A 124 -3.38 -5.61 1.19
CA THR A 124 -4.32 -5.05 0.21
C THR A 124 -3.97 -5.46 -1.21
N SER A 125 -4.98 -5.37 -2.08
CA SER A 125 -4.78 -5.65 -3.49
C SER A 125 -4.07 -4.50 -4.19
N VAL A 126 -3.16 -4.86 -5.09
CA VAL A 126 -2.56 -3.93 -6.04
C VAL A 126 -3.74 -3.49 -6.91
N LEU A 127 -3.89 -2.18 -7.12
CA LEU A 127 -4.99 -1.67 -7.94
C LEU A 127 -4.89 -2.16 -9.39
N PRO A 128 -6.03 -2.28 -10.10
CA PRO A 128 -5.93 -2.68 -11.51
C PRO A 128 -5.23 -1.58 -12.31
N ALA A 129 -4.51 -1.99 -13.35
CA ALA A 129 -3.86 -1.07 -14.30
C ALA A 129 -3.73 -1.80 -15.62
N ALA A 130 -4.30 -1.24 -16.70
CA ALA A 130 -4.20 -1.86 -18.02
C ALA A 130 -2.78 -1.68 -18.57
N GLU A 131 -2.14 -0.55 -18.24
CA GLU A 131 -0.78 -0.18 -18.64
C GLU A 131 -0.29 0.96 -17.75
N PHE A 132 1.02 1.19 -17.75
CA PHE A 132 1.65 2.25 -16.94
C PHE A 132 2.09 3.34 -17.89
N PRO A 133 1.59 4.60 -17.74
CA PRO A 133 1.92 5.64 -18.71
C PRO A 133 3.41 5.96 -18.84
N TRP A 134 4.20 5.73 -17.77
CA TRP A 134 5.64 5.98 -17.73
C TRP A 134 6.49 4.79 -18.27
N ARG A 135 5.84 3.68 -18.67
CA ARG A 135 6.52 2.50 -19.21
C ARG A 135 5.53 1.64 -19.98
N ARG A 136 5.06 2.17 -21.13
CA ARG A 136 4.03 1.53 -21.96
C ARG A 136 4.50 0.25 -22.67
N GLU A 137 5.82 -0.06 -22.69
CA GLU A 137 6.36 -1.31 -23.28
C GLU A 137 5.85 -2.56 -22.54
N ILE A 138 5.45 -2.42 -21.24
CA ILE A 138 4.92 -3.52 -20.42
C ILE A 138 3.47 -3.77 -20.84
N LYS A 139 3.22 -4.91 -21.51
CA LYS A 139 1.91 -5.22 -22.09
C LYS A 139 1.08 -6.21 -21.27
N ASP A 140 1.70 -6.86 -20.27
CA ASP A 140 1.04 -7.89 -19.49
C ASP A 140 0.87 -7.51 -18.00
N ALA A 141 0.69 -6.19 -17.71
CA ALA A 141 0.47 -5.76 -16.32
C ALA A 141 -0.82 -6.42 -15.76
N PRO A 142 -1.97 -6.56 -16.50
CA PRO A 142 -3.16 -7.18 -15.88
C PRO A 142 -2.94 -8.60 -15.38
N GLN A 143 -2.21 -9.45 -16.15
CA GLN A 143 -1.92 -10.85 -15.76
C GLN A 143 -1.04 -10.89 -14.49
N LYS A 144 0.01 -10.05 -14.49
CA LYS A 144 0.97 -9.94 -13.39
C LYS A 144 0.29 -9.45 -12.11
N ILE A 145 -0.54 -8.40 -12.22
CA ILE A 145 -1.26 -7.82 -11.07
C ILE A 145 -2.23 -8.87 -10.51
N GLN A 146 -3.02 -9.53 -11.38
CA GLN A 146 -3.97 -10.56 -10.96
C GLN A 146 -3.28 -11.71 -10.22
N SER A 147 -2.12 -12.18 -10.75
CA SER A 147 -1.39 -13.29 -10.13
C SER A 147 -0.82 -12.86 -8.76
N LEU A 148 -0.23 -11.66 -8.71
CA LEU A 148 0.33 -11.18 -7.43
C LEU A 148 -0.78 -11.01 -6.38
N ASN A 149 -1.93 -10.45 -6.77
CA ASN A 149 -3.06 -10.27 -5.86
C ASN A 149 -3.58 -11.61 -5.28
N ALA A 150 -3.73 -12.66 -6.10
CA ALA A 150 -4.21 -13.94 -5.59
C ALA A 150 -3.20 -14.57 -4.61
N ARG A 151 -1.89 -14.31 -4.84
CA ARG A 151 -0.83 -14.80 -3.97
C ARG A 151 -0.88 -14.07 -2.63
N ILE A 152 -1.07 -12.74 -2.66
CA ILE A 152 -1.18 -11.92 -1.45
C ILE A 152 -2.39 -12.39 -0.64
N GLU A 153 -3.55 -12.57 -1.30
CA GLU A 153 -4.81 -12.98 -0.65
C GLU A 153 -4.70 -14.38 -0.02
N ALA A 154 -4.10 -15.36 -0.74
CA ALA A 154 -3.88 -16.71 -0.23
C ALA A 154 -2.99 -16.67 1.00
N TYR A 155 -1.89 -15.89 0.94
CA TYR A 155 -0.98 -15.73 2.10
C TYR A 155 -1.73 -15.09 3.27
N ALA A 156 -2.60 -14.08 3.01
CA ALA A 156 -3.40 -13.41 4.06
C ALA A 156 -4.36 -14.43 4.71
N LYS A 157 -5.03 -15.28 3.90
CA LYS A 157 -5.94 -16.29 4.38
C LYS A 157 -5.19 -17.31 5.26
N ALA A 158 -4.00 -17.75 4.82
CA ALA A 158 -3.20 -18.74 5.53
C ALA A 158 -2.70 -18.23 6.88
N ASN A 159 -2.54 -16.90 7.04
CA ASN A 159 -2.00 -16.33 8.28
C ASN A 159 -3.03 -15.51 9.10
N LYS A 160 -4.33 -15.60 8.72
CA LYS A 160 -5.45 -14.90 9.37
C LYS A 160 -5.19 -13.39 9.42
N ILE A 161 -4.70 -12.86 8.30
CA ILE A 161 -4.42 -11.44 8.10
C ILE A 161 -5.59 -10.87 7.29
N PRO A 162 -6.27 -9.81 7.73
CA PRO A 162 -7.35 -9.27 6.87
C PRO A 162 -6.80 -8.80 5.51
N PHE A 163 -7.52 -9.12 4.44
CA PHE A 163 -7.16 -8.70 3.08
C PHE A 163 -8.23 -7.75 2.57
N VAL A 164 -7.81 -6.55 2.15
CA VAL A 164 -8.74 -5.57 1.59
C VAL A 164 -8.60 -5.56 0.09
N ASN A 165 -9.68 -5.94 -0.61
CA ASN A 165 -9.69 -6.05 -2.05
C ASN A 165 -10.22 -4.76 -2.72
N TYR A 166 -9.31 -3.80 -2.96
CA TYR A 166 -9.62 -2.56 -3.67
C TYR A 166 -9.89 -2.86 -5.13
N TYR A 167 -9.22 -3.87 -5.67
CA TYR A 167 -9.22 -4.30 -7.06
C TYR A 167 -10.61 -4.70 -7.55
N GLN A 168 -11.27 -5.64 -6.83
CA GLN A 168 -12.56 -6.19 -7.26
C GLN A 168 -13.64 -5.09 -7.60
N PRO A 169 -13.94 -4.05 -6.77
CA PRO A 169 -14.95 -3.07 -7.18
C PRO A 169 -14.42 -2.02 -8.17
N VAL A 171 -12.11 -2.71 -10.86
CA VAL A 171 -11.69 -3.26 -12.15
C VAL A 171 -12.85 -3.26 -13.14
N VAL A 172 -12.54 -3.11 -14.46
CA VAL A 172 -13.52 -3.15 -15.57
C VAL A 172 -12.93 -3.82 -16.81
N GLY A 173 -13.83 -4.38 -17.64
CA GLY A 173 -13.54 -4.97 -18.94
C GLY A 173 -12.61 -6.17 -19.02
N GLU A 174 -12.33 -6.59 -20.27
CA GLU A 174 -11.44 -7.71 -20.58
C GLU A 174 -9.98 -7.34 -20.29
N ASN A 175 -9.59 -6.08 -20.57
CA ASN A 175 -8.22 -5.59 -20.37
C ASN A 175 -7.92 -5.32 -18.88
N LYS A 176 -8.90 -5.58 -17.97
CA LYS A 176 -8.75 -5.43 -16.50
C LYS A 176 -8.24 -4.02 -16.12
N ALA A 177 -8.82 -3.00 -16.74
CA ALA A 177 -8.40 -1.62 -16.49
C ALA A 177 -8.95 -1.11 -15.16
N LEU A 178 -8.36 -0.02 -14.64
CA LEU A 178 -8.91 0.69 -13.50
C LEU A 178 -10.09 1.47 -14.04
N ASN A 179 -11.28 1.29 -13.43
CA ASN A 179 -12.55 1.89 -13.89
C ASN A 179 -12.38 3.37 -14.22
N PRO A 180 -12.69 3.82 -15.47
CA PRO A 180 -12.54 5.25 -15.80
C PRO A 180 -13.29 6.18 -14.84
N GLN A 181 -14.33 5.67 -14.15
CA GLN A 181 -15.11 6.43 -13.16
C GLN A 181 -14.25 6.78 -11.94
N TYR A 182 -13.13 6.06 -11.76
CA TYR A 182 -12.27 6.27 -10.58
C TYR A 182 -10.86 6.76 -10.90
N THR A 183 -10.57 7.07 -12.17
CA THR A 183 -9.23 7.48 -12.61
C THR A 183 -9.25 8.28 -13.90
N LYS A 184 -8.22 9.12 -14.08
CA LYS A 184 -8.01 9.87 -15.32
C LYS A 184 -6.84 9.30 -16.14
N ASP A 185 -5.80 8.74 -15.47
CA ASP A 185 -4.62 8.26 -16.18
C ASP A 185 -4.51 6.71 -16.21
N GLY A 186 -5.48 6.02 -15.59
CA GLY A 186 -5.54 4.57 -15.61
C GLY A 186 -4.73 3.85 -14.56
N VAL A 187 -4.03 4.60 -13.67
CA VAL A 187 -3.21 4.05 -12.58
C VAL A 187 -3.60 4.74 -11.26
N HIS A 188 -3.61 6.08 -11.26
CA HIS A 188 -3.84 6.86 -10.03
C HIS A 188 -5.33 7.16 -9.83
N PRO A 189 -5.88 6.83 -8.63
CA PRO A 189 -7.30 7.15 -8.42
C PRO A 189 -7.59 8.64 -8.29
N THR A 190 -8.78 9.06 -8.74
CA THR A 190 -9.27 10.44 -8.53
C THR A 190 -9.93 10.44 -7.12
N GLY A 191 -10.49 11.58 -6.69
CA GLY A 191 -11.24 11.66 -5.44
C GLY A 191 -12.34 10.60 -5.33
N GLU A 192 -13.10 10.40 -6.43
CA GLU A 192 -14.17 9.39 -6.51
C GLU A 192 -13.58 7.97 -6.29
N GLY A 193 -12.42 7.71 -6.85
CA GLY A 193 -11.74 6.43 -6.69
C GLY A 193 -11.32 6.25 -5.25
N TYR A 194 -10.75 7.31 -4.67
CA TYR A 194 -10.30 7.26 -3.28
C TYR A 194 -11.48 7.03 -2.33
N ASP A 195 -12.66 7.56 -2.64
CA ASP A 195 -13.87 7.35 -1.82
C ASP A 195 -14.22 5.84 -1.69
N ILE A 196 -14.07 5.05 -2.78
CA ILE A 196 -14.32 3.59 -2.76
C ILE A 196 -13.36 2.93 -1.77
N GLU A 198 -11.57 4.39 0.68
CA GLU A 198 -11.75 4.88 2.04
C GLU A 198 -12.78 4.08 2.82
N ALA A 199 -13.95 3.80 2.20
CA ALA A 199 -15.03 3.02 2.82
C ALA A 199 -14.53 1.61 3.22
N LEU A 200 -13.75 0.96 2.34
CA LEU A 200 -13.23 -0.37 2.58
C LEU A 200 -12.16 -0.38 3.67
N ILE A 201 -11.14 0.49 3.55
CA ILE A 201 -10.03 0.48 4.50
C ILE A 201 -10.46 0.96 5.91
N LYS A 202 -11.31 2.00 6.02
CA LYS A 202 -11.83 2.49 7.31
C LYS A 202 -12.57 1.37 8.04
N GLN A 203 -13.44 0.63 7.32
CA GLN A 203 -14.18 -0.50 7.89
C GLN A 203 -13.24 -1.61 8.39
N ALA A 204 -12.21 -1.97 7.59
CA ALA A 204 -11.32 -3.06 7.97
C ALA A 204 -10.47 -2.66 9.17
N ILE A 205 -10.01 -1.40 9.23
CA ILE A 205 -9.22 -0.86 10.34
C ILE A 205 -10.08 -0.90 11.62
N GLU A 206 -11.30 -0.33 11.57
CA GLU A 206 -12.22 -0.34 12.70
C GLU A 206 -12.56 -1.75 13.18
N LYS A 207 -12.74 -2.73 12.27
CA LYS A 207 -12.99 -4.11 12.67
C LYS A 207 -11.78 -4.74 13.42
N ALA A 208 -10.56 -4.45 12.97
CA ALA A 208 -9.35 -5.00 13.59
C ALA A 208 -9.02 -4.35 14.95
N LEU A 209 -9.51 -3.13 15.25
CA LEU A 209 -9.19 -2.39 16.48
C LEU A 209 -10.43 -2.08 17.35
#